data_1PSK
#
_entry.id   1PSK
#
_cell.length_a   37.600
_cell.length_b   94.100
_cell.length_c   67.400
_cell.angle_alpha   90.00
_cell.angle_beta   101.00
_cell.angle_gamma   90.00
#
_symmetry.space_group_name_H-M   'P 1 21 1'
#
loop_
_entity.id
_entity.type
_entity.pdbx_description
1 polymer ANTIBODY
2 polymer ANTIBODY
3 water water
#
loop_
_entity_poly.entity_id
_entity_poly.type
_entity_poly.pdbx_seq_one_letter_code
_entity_poly.pdbx_strand_id
1 'polypeptide(L)'
;QIVLTQSPAIMSASPGEKVTITCSASSSVSNIHWFQQKPGTFPKLWIYSTSTLASGVPGRFSGSGSGTSYSLTISRMGAE
DAATYYCQQRSGYPFTFGSGTKLEIKRADAAPTVSIFPPSSEQLTSGGASVVCFLNNFYPKDINVKWKIDGSERQNGVLN
SWTDQDSKDSTYSMSSTLTLTKDEYERHNSYTCEATHKTSTSPIVKSFNRNEC
;
L
2 'polypeptide(L)'
;EVQLQQSGPELVKPGASVKISCKTSGYTFTKYTMHWVKQSHGKSLEWIGDINPNNGGTNYNQKFKGTATLTVHKSSTTAY
MELRSLTSEDSAVYYCTSKSFDYWGQGTTLTVSSAKTTAPSVYPLAPVCGDTTGSAVTLGCLVKGYFPEPVTLTWNSGSL
SSGVHTFPAVLQSDLYTLSSSVTVTSSTWPSQSITCNVAHPASSTKVDK
;
H
#
# COMPACT_ATOMS: atom_id res chain seq x y z
N GLN A 1 2.22 24.56 -15.98
CA GLN A 1 2.50 23.81 -14.77
C GLN A 1 3.98 23.48 -14.60
N ILE A 2 4.53 23.86 -13.45
CA ILE A 2 5.93 23.60 -13.17
C ILE A 2 6.07 22.11 -12.84
N VAL A 3 6.61 21.34 -13.78
CA VAL A 3 6.83 19.92 -13.58
C VAL A 3 8.03 19.79 -12.64
N LEU A 4 8.00 18.78 -11.79
CA LEU A 4 9.09 18.54 -10.84
C LEU A 4 9.54 17.09 -11.00
N THR A 5 10.62 16.87 -11.75
CA THR A 5 11.12 15.50 -11.93
C THR A 5 12.16 15.13 -10.88
N GLN A 6 11.91 14.00 -10.21
CA GLN A 6 12.82 13.53 -9.18
C GLN A 6 13.75 12.52 -9.79
N SER A 7 14.95 12.43 -9.22
CA SER A 7 15.96 11.50 -9.69
C SER A 7 16.82 11.11 -8.50
N PRO A 8 16.98 9.79 -8.26
CA PRO A 8 16.47 8.62 -8.99
C PRO A 8 15.00 8.33 -8.60
N ALA A 9 14.41 7.34 -9.24
CA ALA A 9 13.03 6.96 -8.94
C ALA A 9 12.96 6.01 -7.77
N ILE A 10 13.92 5.11 -7.69
CA ILE A 10 13.98 4.13 -6.62
C ILE A 10 15.44 3.82 -6.38
N MET A 11 15.79 3.56 -5.13
CA MET A 11 17.18 3.30 -4.80
C MET A 11 17.32 2.45 -3.55
N SER A 12 18.38 1.65 -3.54
CA SER A 12 18.69 0.79 -2.40
C SER A 12 20.03 1.25 -1.85
N ALA A 13 20.00 1.68 -0.60
CA ALA A 13 21.19 2.13 0.06
C ALA A 13 21.36 1.32 1.33
N SER A 14 22.61 1.00 1.64
CA SER A 14 22.90 0.23 2.85
C SER A 14 22.87 1.19 4.04
N PRO A 15 22.61 0.67 5.24
CA PRO A 15 22.62 1.60 6.36
C PRO A 15 23.99 2.25 6.44
N GLY A 16 24.05 3.48 6.96
CA GLY A 16 25.30 4.20 7.07
C GLY A 16 25.83 4.78 5.77
N GLU A 17 25.02 4.76 4.72
CA GLU A 17 25.43 5.31 3.43
C GLU A 17 24.98 6.77 3.28
N LYS A 18 25.61 7.50 2.37
CA LYS A 18 25.25 8.88 2.12
C LYS A 18 24.37 8.94 0.87
N VAL A 19 23.13 9.37 1.03
CA VAL A 19 22.19 9.45 -0.08
C VAL A 19 21.89 10.91 -0.41
N THR A 20 21.76 11.19 -1.70
CA THR A 20 21.47 12.53 -2.19
C THR A 20 20.43 12.36 -3.29
N ILE A 21 19.19 12.71 -3.01
CA ILE A 21 18.14 12.60 -4.03
C ILE A 21 17.84 14.02 -4.50
N THR A 22 17.77 14.22 -5.82
CA THR A 22 17.54 15.55 -6.34
C THR A 22 16.11 15.83 -6.79
N CYS A 23 15.88 17.09 -7.16
CA CYS A 23 14.57 17.56 -7.63
C CYS A 23 14.72 18.75 -8.58
N SER A 24 14.42 18.52 -9.85
CA SER A 24 14.53 19.55 -10.87
C SER A 24 13.16 20.13 -11.25
N ALA A 25 13.05 21.46 -11.20
CA ALA A 25 11.82 22.17 -11.53
C ALA A 25 11.91 22.64 -12.97
N SER A 26 10.81 22.49 -13.72
CA SER A 26 10.75 22.90 -15.13
C SER A 26 10.91 24.40 -15.36
N SER A 27 10.46 25.17 -14.37
CA SER A 27 10.53 26.63 -14.39
C SER A 27 11.11 26.92 -13.03
N SER A 28 11.76 28.07 -12.87
CA SER A 28 12.36 28.43 -11.60
C SER A 28 11.33 28.59 -10.47
N VAL A 29 11.73 28.17 -9.27
CA VAL A 29 10.89 28.28 -8.08
C VAL A 29 11.67 28.97 -6.98
N SER A 30 10.99 29.37 -5.91
CA SER A 30 11.66 30.05 -4.82
C SER A 30 12.18 29.08 -3.78
N ASN A 31 11.30 28.22 -3.30
CA ASN A 31 11.66 27.21 -2.32
C ASN A 31 11.19 25.90 -2.90
N ILE A 32 11.55 24.83 -2.20
CA ILE A 32 11.12 23.49 -2.54
C ILE A 32 10.80 22.86 -1.20
N HIS A 33 9.84 21.95 -1.20
CA HIS A 33 9.48 21.30 0.04
C HIS A 33 9.61 19.81 -0.22
N TRP A 34 9.92 19.08 0.83
CA TRP A 34 10.11 17.66 0.73
C TRP A 34 9.18 16.97 1.68
N PHE A 35 8.57 15.88 1.21
CA PHE A 35 7.67 15.10 2.03
C PHE A 35 8.18 13.67 2.15
N GLN A 36 7.85 13.02 3.27
CA GLN A 36 8.22 11.65 3.52
C GLN A 36 6.95 10.88 3.78
N GLN A 37 6.68 9.87 2.96
CA GLN A 37 5.51 9.02 3.14
C GLN A 37 5.93 7.57 3.20
N LYS A 38 5.51 6.90 4.26
CA LYS A 38 5.80 5.49 4.38
C LYS A 38 4.53 4.77 3.96
N PRO A 39 4.68 3.56 3.38
CA PRO A 39 3.58 2.71 2.91
C PRO A 39 2.46 2.55 3.92
N GLY A 40 1.27 2.99 3.54
CA GLY A 40 0.11 2.90 4.40
C GLY A 40 -0.11 4.12 5.27
N THR A 41 0.75 5.13 5.14
CA THR A 41 0.61 6.35 5.94
C THR A 41 0.48 7.57 5.03
N PHE A 42 0.11 8.71 5.62
CA PHE A 42 -0.04 9.96 4.90
C PHE A 42 1.34 10.59 4.74
N PRO A 43 1.45 11.63 3.89
CA PRO A 43 2.80 12.20 3.78
C PRO A 43 3.17 12.99 5.05
N LYS A 44 4.47 13.20 5.26
CA LYS A 44 4.94 13.95 6.40
C LYS A 44 5.86 15.04 5.87
N LEU A 45 5.62 16.30 6.26
CA LEU A 45 6.50 17.37 5.81
C LEU A 45 7.87 17.03 6.38
N TRP A 46 8.84 16.86 5.50
CA TRP A 46 10.15 16.52 5.97
C TRP A 46 11.03 17.76 6.08
N ILE A 47 11.25 18.44 4.98
CA ILE A 47 12.05 19.65 4.98
C ILE A 47 11.29 20.68 4.15
N TYR A 48 11.07 21.87 4.71
CA TYR A 48 10.37 22.92 3.97
C TYR A 48 11.28 24.10 3.71
N SER A 49 10.86 24.95 2.78
CA SER A 49 11.62 26.14 2.41
C SER A 49 13.05 25.77 2.05
N THR A 50 13.21 24.60 1.47
CA THR A 50 14.51 24.10 1.02
C THR A 50 15.45 23.62 2.11
N SER A 51 15.69 24.44 3.13
CA SER A 51 16.65 24.10 4.17
C SER A 51 16.10 23.77 5.55
N THR A 52 14.96 24.33 5.90
CA THR A 52 14.40 24.11 7.21
C THR A 52 13.93 22.67 7.47
N LEU A 53 14.40 22.09 8.56
CA LEU A 53 13.98 20.75 8.95
C LEU A 53 12.74 20.94 9.81
N ALA A 54 11.73 20.10 9.60
CA ALA A 54 10.52 20.19 10.41
C ALA A 54 10.81 19.58 11.78
N SER A 55 9.81 19.56 12.66
CA SER A 55 10.01 18.98 13.98
C SER A 55 10.04 17.47 13.84
N GLY A 56 10.98 16.83 14.55
CA GLY A 56 11.10 15.39 14.50
C GLY A 56 12.20 14.91 13.57
N VAL A 57 12.40 15.59 12.44
CA VAL A 57 13.42 15.22 11.47
C VAL A 57 14.81 15.20 12.10
N PRO A 58 15.59 14.17 11.78
CA PRO A 58 16.95 13.99 12.30
C PRO A 58 17.92 14.89 11.55
N GLY A 59 18.99 15.32 12.24
CA GLY A 59 19.99 16.19 11.62
C GLY A 59 20.80 15.63 10.47
N ARG A 60 20.59 14.37 10.13
CA ARG A 60 21.32 13.76 9.03
C ARG A 60 20.67 14.18 7.74
N PHE A 61 19.48 14.76 7.86
CA PHE A 61 18.74 15.25 6.69
C PHE A 61 19.07 16.72 6.46
N SER A 62 19.26 17.08 5.20
CA SER A 62 19.57 18.46 4.88
C SER A 62 19.03 18.75 3.50
N GLY A 63 18.53 19.97 3.34
CA GLY A 63 18.00 20.40 2.06
C GLY A 63 18.87 21.49 1.50
N SER A 64 19.11 21.44 0.20
CA SER A 64 19.93 22.43 -0.49
C SER A 64 19.36 22.59 -1.90
N GLY A 65 19.96 23.48 -2.68
CA GLY A 65 19.49 23.70 -4.04
C GLY A 65 19.03 25.12 -4.28
N SER A 66 18.92 25.50 -5.55
CA SER A 66 18.50 26.86 -5.88
C SER A 66 17.91 27.02 -7.28
N GLY A 67 16.88 27.85 -7.37
CA GLY A 67 16.25 28.14 -8.64
C GLY A 67 15.59 26.98 -9.33
N THR A 68 16.39 26.23 -10.08
CA THR A 68 15.85 25.10 -10.81
C THR A 68 16.17 23.71 -10.22
N SER A 69 17.32 23.53 -9.57
CA SER A 69 17.66 22.21 -8.99
C SER A 69 17.87 22.21 -7.49
N TYR A 70 17.18 21.31 -6.81
CA TYR A 70 17.28 21.21 -5.36
C TYR A 70 17.62 19.77 -4.99
N SER A 71 18.00 19.55 -3.74
CA SER A 71 18.34 18.20 -3.32
C SER A 71 18.25 17.96 -1.82
N LEU A 72 17.94 16.70 -1.48
CA LEU A 72 17.86 16.23 -0.11
C LEU A 72 19.06 15.31 0.01
N THR A 73 19.64 15.28 1.18
CA THR A 73 20.82 14.47 1.41
C THR A 73 20.79 13.87 2.82
N ILE A 74 20.98 12.56 2.90
CA ILE A 74 21.02 11.86 4.17
C ILE A 74 22.50 11.53 4.33
N SER A 75 23.11 12.04 5.41
CA SER A 75 24.52 11.81 5.66
C SER A 75 24.82 10.33 5.88
N ARG A 76 23.91 9.64 6.58
CA ARG A 76 24.05 8.21 6.84
C ARG A 76 22.66 7.61 6.85
N MET A 77 22.39 6.77 5.86
CA MET A 77 21.10 6.10 5.72
C MET A 77 20.79 5.31 7.00
N GLY A 78 19.56 5.40 7.45
CA GLY A 78 19.17 4.67 8.63
C GLY A 78 18.08 3.75 8.17
N ALA A 79 17.80 2.72 8.96
CA ALA A 79 16.77 1.76 8.62
C ALA A 79 15.45 2.52 8.49
N GLU A 80 15.20 3.36 9.48
CA GLU A 80 14.00 4.18 9.59
C GLU A 80 13.77 5.04 8.35
N ASP A 81 14.86 5.50 7.75
CA ASP A 81 14.84 6.40 6.58
C ASP A 81 14.30 5.89 5.27
N ALA A 82 14.05 4.59 5.16
CA ALA A 82 13.49 4.07 3.91
C ALA A 82 12.05 4.59 3.80
N ALA A 83 11.73 5.15 2.63
CA ALA A 83 10.41 5.70 2.35
C ALA A 83 10.48 6.38 0.98
N THR A 84 9.42 7.09 0.63
CA THR A 84 9.36 7.81 -0.64
C THR A 84 9.35 9.28 -0.26
N TYR A 85 10.26 10.04 -0.88
CA TYR A 85 10.40 11.46 -0.61
C TYR A 85 9.93 12.30 -1.80
N TYR A 86 8.86 13.06 -1.60
CA TYR A 86 8.30 13.91 -2.68
C TYR A 86 8.77 15.33 -2.56
N CYS A 87 9.06 15.97 -3.69
CA CYS A 87 9.45 17.38 -3.68
C CYS A 87 8.20 18.14 -4.11
N GLN A 88 7.92 19.27 -3.47
CA GLN A 88 6.75 20.06 -3.79
C GLN A 88 7.13 21.53 -3.99
N GLN A 89 6.48 22.18 -4.96
CA GLN A 89 6.71 23.60 -5.21
C GLN A 89 5.40 24.32 -5.05
N ARG A 90 5.42 25.42 -4.30
CA ARG A 90 4.22 26.20 -4.09
C ARG A 90 4.39 27.58 -4.68
N SER A 91 5.55 27.82 -5.30
CA SER A 91 5.87 29.12 -5.88
C SER A 91 5.05 29.50 -7.10
N GLY A 92 4.25 28.57 -7.59
CA GLY A 92 3.42 28.85 -8.75
C GLY A 92 2.12 28.06 -8.71
N TYR A 93 1.20 28.45 -9.56
CA TYR A 93 -0.09 27.78 -9.61
C TYR A 93 -0.28 26.99 -10.91
N PRO A 94 -0.81 25.77 -10.81
CA PRO A 94 -1.20 25.17 -9.53
C PRO A 94 0.02 24.53 -8.84
N PHE A 95 -0.18 24.00 -7.64
CA PHE A 95 0.91 23.37 -6.90
C PHE A 95 1.19 21.98 -7.45
N THR A 96 2.46 21.64 -7.55
CA THR A 96 2.87 20.36 -8.09
C THR A 96 3.83 19.63 -7.18
N PHE A 97 3.94 18.33 -7.42
CA PHE A 97 4.81 17.43 -6.66
C PHE A 97 5.80 16.73 -7.59
N GLY A 98 6.80 16.11 -6.98
CA GLY A 98 7.79 15.37 -7.74
C GLY A 98 7.29 13.96 -7.96
N SER A 99 7.97 13.23 -8.85
CA SER A 99 7.63 11.85 -9.20
C SER A 99 7.71 10.95 -7.99
N GLY A 100 8.69 11.24 -7.14
CA GLY A 100 8.93 10.48 -5.94
C GLY A 100 10.24 9.74 -6.08
N THR A 101 10.89 9.49 -4.94
CA THR A 101 12.14 8.74 -4.91
C THR A 101 11.90 7.71 -3.81
N LYS A 102 11.86 6.44 -4.20
CA LYS A 102 11.63 5.37 -3.25
C LYS A 102 12.97 4.90 -2.73
N LEU A 103 13.10 4.90 -1.41
CA LEU A 103 14.33 4.48 -0.77
C LEU A 103 14.13 3.11 -0.17
N GLU A 104 15.06 2.20 -0.45
CA GLU A 104 14.99 0.85 0.07
C GLU A 104 16.35 0.52 0.68
N ILE A 105 16.33 -0.33 1.71
CA ILE A 105 17.54 -0.72 2.39
C ILE A 105 18.24 -1.89 1.72
N LYS A 106 19.54 -1.73 1.47
CA LYS A 106 20.34 -2.77 0.85
C LYS A 106 20.82 -3.66 1.98
N ARG A 107 20.73 -4.96 1.76
CA ARG A 107 21.15 -5.92 2.77
C ARG A 107 21.73 -7.18 2.16
N ALA A 108 21.99 -8.17 3.01
CA ALA A 108 22.57 -9.44 2.59
C ALA A 108 21.55 -10.31 1.87
N ASP A 109 21.96 -10.83 0.72
CA ASP A 109 21.11 -11.70 -0.08
C ASP A 109 20.71 -12.90 0.77
N ALA A 110 19.42 -13.16 0.85
CA ALA A 110 18.88 -14.30 1.59
C ALA A 110 18.11 -15.20 0.62
N ALA A 111 17.76 -16.40 1.05
CA ALA A 111 17.00 -17.31 0.20
C ALA A 111 15.60 -17.38 0.78
N PRO A 112 14.59 -17.67 -0.06
CA PRO A 112 13.27 -17.72 0.57
C PRO A 112 12.92 -18.98 1.34
N THR A 113 11.99 -18.83 2.28
CA THR A 113 11.48 -19.92 3.10
C THR A 113 10.14 -20.30 2.48
N VAL A 114 10.20 -21.28 1.58
CA VAL A 114 9.03 -21.76 0.85
C VAL A 114 8.10 -22.69 1.64
N SER A 115 6.79 -22.56 1.46
CA SER A 115 5.80 -23.39 2.12
C SER A 115 4.67 -23.63 1.13
N ILE A 116 4.18 -24.87 1.04
CA ILE A 116 3.10 -25.19 0.10
C ILE A 116 1.87 -25.73 0.83
N PHE A 117 0.69 -25.35 0.36
CA PHE A 117 -0.57 -25.77 0.97
C PHE A 117 -1.55 -26.23 -0.11
N PRO A 118 -2.34 -27.29 0.19
CA PRO A 118 -3.34 -27.83 -0.74
C PRO A 118 -4.71 -27.21 -0.45
N PRO A 119 -5.65 -27.27 -1.41
CA PRO A 119 -6.95 -26.67 -1.12
C PRO A 119 -7.61 -27.20 0.13
N SER A 120 -8.24 -26.31 0.90
CA SER A 120 -8.92 -26.69 2.12
C SER A 120 -10.20 -27.41 1.74
N SER A 121 -10.66 -28.33 2.59
CA SER A 121 -11.88 -29.08 2.29
C SER A 121 -13.04 -28.14 2.04
N GLU A 122 -13.04 -27.04 2.80
CA GLU A 122 -14.07 -26.01 2.68
C GLU A 122 -14.09 -25.49 1.26
N GLN A 123 -12.91 -25.22 0.70
CA GLN A 123 -12.80 -24.70 -0.65
C GLN A 123 -13.13 -25.77 -1.68
N LEU A 124 -12.64 -26.98 -1.42
CA LEU A 124 -12.86 -28.11 -2.28
C LEU A 124 -14.34 -28.43 -2.41
N THR A 125 -15.05 -28.39 -1.29
CA THR A 125 -16.48 -28.65 -1.30
C THR A 125 -17.22 -27.50 -1.98
N SER A 126 -16.60 -26.32 -1.98
CA SER A 126 -17.21 -25.14 -2.60
C SER A 126 -17.18 -25.18 -4.13
N GLY A 127 -16.35 -26.05 -4.70
CA GLY A 127 -16.28 -26.14 -6.15
C GLY A 127 -15.00 -25.66 -6.81
N GLY A 128 -14.11 -25.06 -6.04
CA GLY A 128 -12.86 -24.57 -6.58
C GLY A 128 -11.70 -25.06 -5.74
N ALA A 129 -10.48 -24.87 -6.23
CA ALA A 129 -9.31 -25.32 -5.48
C ALA A 129 -8.12 -24.47 -5.77
N SER A 130 -7.54 -23.89 -4.72
CA SER A 130 -6.36 -23.07 -4.88
C SER A 130 -5.19 -23.58 -4.04
N VAL A 131 -4.05 -23.76 -4.69
CA VAL A 131 -2.82 -24.22 -4.04
C VAL A 131 -1.99 -22.95 -3.78
N VAL A 132 -1.78 -22.62 -2.50
CA VAL A 132 -1.03 -21.43 -2.11
C VAL A 132 0.45 -21.72 -1.88
N CYS A 133 1.30 -20.72 -2.09
CA CYS A 133 2.73 -20.89 -1.90
C CYS A 133 3.38 -19.63 -1.30
N PHE A 134 3.87 -19.76 -0.07
CA PHE A 134 4.51 -18.65 0.62
C PHE A 134 6.02 -18.72 0.50
N LEU A 135 6.63 -17.64 0.02
CA LEU A 135 8.10 -17.56 -0.13
C LEU A 135 8.52 -16.42 0.78
N ASN A 136 8.79 -16.76 2.04
CA ASN A 136 9.15 -15.78 3.06
C ASN A 136 10.60 -15.39 3.24
N ASN A 137 10.76 -14.15 3.71
CA ASN A 137 12.02 -13.47 4.05
C ASN A 137 13.24 -13.54 3.13
N PHE A 138 13.13 -12.98 1.93
CA PHE A 138 14.25 -12.98 1.01
C PHE A 138 14.68 -11.58 0.59
N TYR A 139 15.93 -11.48 0.15
CA TYR A 139 16.48 -10.23 -0.33
C TYR A 139 17.53 -10.60 -1.37
N PRO A 140 17.45 -10.06 -2.60
CA PRO A 140 16.57 -9.13 -3.33
C PRO A 140 15.15 -9.59 -3.66
N LYS A 141 14.28 -8.62 -3.92
CA LYS A 141 12.87 -8.85 -4.27
C LYS A 141 12.70 -9.59 -5.60
N ASP A 142 13.73 -9.54 -6.43
CA ASP A 142 13.71 -10.23 -7.71
C ASP A 142 13.67 -11.73 -7.47
N ILE A 143 12.55 -12.34 -7.79
CA ILE A 143 12.38 -13.77 -7.61
C ILE A 143 11.37 -14.29 -8.62
N ASN A 144 11.66 -15.44 -9.20
CA ASN A 144 10.77 -16.04 -10.19
C ASN A 144 10.14 -17.28 -9.59
N VAL A 145 8.82 -17.35 -9.61
CA VAL A 145 8.09 -18.50 -9.07
C VAL A 145 7.29 -19.18 -10.19
N LYS A 146 7.51 -20.48 -10.36
CA LYS A 146 6.81 -21.26 -11.37
C LYS A 146 5.95 -22.36 -10.76
N TRP A 147 4.75 -22.52 -11.30
CA TRP A 147 3.86 -23.57 -10.86
C TRP A 147 3.96 -24.69 -11.85
N LYS A 148 4.12 -25.89 -11.33
CA LYS A 148 4.19 -27.06 -12.17
C LYS A 148 3.14 -28.02 -11.63
N ILE A 149 2.31 -28.54 -12.52
CA ILE A 149 1.28 -29.49 -12.18
C ILE A 149 1.66 -30.69 -13.03
N ASP A 150 2.07 -31.78 -12.39
CA ASP A 150 2.49 -33.02 -13.06
C ASP A 150 3.62 -32.69 -14.05
N GLY A 151 4.51 -31.78 -13.62
CA GLY A 151 5.62 -31.35 -14.43
C GLY A 151 5.23 -30.39 -15.54
N SER A 152 4.01 -29.85 -15.49
CA SER A 152 3.54 -28.92 -16.51
C SER A 152 3.29 -27.53 -15.94
N GLU A 153 3.96 -26.52 -16.50
CA GLU A 153 3.83 -25.13 -16.06
C GLU A 153 2.45 -24.47 -16.27
N ARG A 154 1.88 -23.95 -15.20
CA ARG A 154 0.59 -23.27 -15.27
C ARG A 154 0.91 -21.77 -15.21
N GLN A 155 0.39 -21.02 -16.18
CA GLN A 155 0.63 -19.57 -16.24
C GLN A 155 -0.58 -18.78 -15.79
N ASN A 156 -1.74 -19.18 -16.31
CA ASN A 156 -3.01 -18.52 -16.00
C ASN A 156 -3.55 -19.06 -14.68
N GLY A 157 -4.10 -18.17 -13.87
CA GLY A 157 -4.66 -18.59 -12.60
C GLY A 157 -3.75 -18.38 -11.40
N VAL A 158 -2.49 -18.03 -11.67
CA VAL A 158 -1.49 -17.78 -10.63
C VAL A 158 -1.61 -16.30 -10.20
N LEU A 159 -1.70 -16.07 -8.90
CA LEU A 159 -1.86 -14.73 -8.31
C LEU A 159 -0.67 -14.35 -7.39
N ASN A 160 0.33 -13.64 -7.90
CA ASN A 160 1.48 -13.27 -7.08
C ASN A 160 1.27 -11.99 -6.30
N SER A 161 2.02 -11.82 -5.21
CA SER A 161 1.87 -10.63 -4.35
C SER A 161 3.01 -10.44 -3.33
N TRP A 162 3.94 -9.54 -3.62
CA TRP A 162 5.06 -9.27 -2.71
C TRP A 162 4.66 -8.24 -1.65
N THR A 163 5.25 -8.33 -0.45
CA THR A 163 4.98 -7.37 0.61
C THR A 163 6.01 -6.25 0.47
N ASP A 164 5.79 -5.14 1.19
CA ASP A 164 6.75 -4.04 1.18
C ASP A 164 7.81 -4.40 2.22
N GLN A 165 9.08 -4.23 1.84
CA GLN A 165 10.24 -4.54 2.69
C GLN A 165 10.02 -4.51 4.20
N ASP A 166 10.37 -5.62 4.84
CA ASP A 166 10.22 -5.82 6.27
C ASP A 166 11.03 -4.85 7.13
N SER A 167 10.32 -4.13 8.01
CA SER A 167 10.92 -3.14 8.91
C SER A 167 12.00 -3.67 9.87
N LYS A 168 11.95 -4.96 10.18
CA LYS A 168 12.94 -5.52 11.08
C LYS A 168 14.18 -6.11 10.44
N ASP A 169 14.03 -7.01 9.47
CA ASP A 169 15.19 -7.59 8.81
C ASP A 169 15.45 -7.05 7.41
N SER A 170 14.55 -6.21 6.92
CA SER A 170 14.69 -5.59 5.61
C SER A 170 14.60 -6.55 4.42
N THR A 171 13.70 -7.52 4.51
CA THR A 171 13.49 -8.48 3.43
C THR A 171 12.05 -8.50 2.96
N TYR A 172 11.84 -8.99 1.73
CA TYR A 172 10.53 -9.08 1.10
C TYR A 172 10.04 -10.52 1.18
N SER A 173 8.72 -10.68 1.12
CA SER A 173 8.12 -12.01 1.15
C SER A 173 7.11 -12.08 0.02
N MET A 174 7.04 -13.24 -0.61
CA MET A 174 6.13 -13.48 -1.72
C MET A 174 4.97 -14.39 -1.36
N SER A 175 4.00 -14.46 -2.25
CA SER A 175 2.82 -15.29 -2.08
C SER A 175 2.18 -15.56 -3.43
N SER A 176 2.30 -16.79 -3.91
CA SER A 176 1.73 -17.19 -5.18
C SER A 176 0.55 -18.14 -4.96
N THR A 177 -0.58 -17.85 -5.59
CA THR A 177 -1.78 -18.68 -5.44
C THR A 177 -2.30 -19.14 -6.77
N LEU A 178 -2.08 -20.42 -7.09
CA LEU A 178 -2.57 -20.98 -8.34
C LEU A 178 -4.00 -21.41 -8.00
N THR A 179 -4.95 -21.06 -8.86
CA THR A 179 -6.35 -21.41 -8.64
C THR A 179 -6.87 -22.18 -9.84
N LEU A 180 -7.46 -23.35 -9.56
CA LEU A 180 -8.05 -24.22 -10.58
C LEU A 180 -9.39 -24.72 -10.08
N THR A 181 -10.09 -25.43 -10.95
CA THR A 181 -11.39 -26.00 -10.60
C THR A 181 -11.15 -27.25 -9.76
N LYS A 182 -12.13 -27.63 -8.94
CA LYS A 182 -12.03 -28.85 -8.13
C LYS A 182 -11.74 -30.02 -9.08
N ASP A 183 -12.36 -29.96 -10.25
CA ASP A 183 -12.21 -30.97 -11.29
C ASP A 183 -10.78 -31.09 -11.76
N GLU A 184 -10.17 -29.96 -12.12
CA GLU A 184 -8.78 -29.95 -12.58
C GLU A 184 -7.89 -30.49 -11.47
N TYR A 185 -8.17 -30.10 -10.23
CA TYR A 185 -7.38 -30.52 -9.09
C TYR A 185 -7.34 -32.03 -8.97
N GLU A 186 -8.53 -32.61 -8.92
CA GLU A 186 -8.66 -34.05 -8.78
C GLU A 186 -8.52 -34.67 -10.15
N ARG A 187 -7.26 -34.77 -10.57
CA ARG A 187 -6.91 -35.31 -11.87
C ARG A 187 -5.41 -35.30 -11.96
N HIS A 188 -4.79 -34.37 -11.24
CA HIS A 188 -3.36 -34.22 -11.24
C HIS A 188 -2.89 -34.45 -9.82
N ASN A 189 -1.67 -34.98 -9.66
CA ASN A 189 -1.16 -35.33 -8.34
C ASN A 189 -0.01 -34.53 -7.77
N SER A 190 1.04 -34.36 -8.55
CA SER A 190 2.19 -33.61 -8.07
C SER A 190 2.07 -32.14 -8.39
N TYR A 191 1.95 -31.34 -7.35
CA TYR A 191 1.86 -29.90 -7.48
C TYR A 191 3.16 -29.39 -6.92
N THR A 192 3.86 -28.61 -7.75
CA THR A 192 5.16 -28.06 -7.40
C THR A 192 5.29 -26.58 -7.71
N CYS A 193 5.85 -25.82 -6.79
CA CYS A 193 6.08 -24.42 -7.05
C CYS A 193 7.54 -24.22 -6.73
N GLU A 194 8.29 -23.72 -7.70
CA GLU A 194 9.71 -23.50 -7.48
C GLU A 194 10.16 -22.07 -7.71
N ALA A 195 10.97 -21.58 -6.79
CA ALA A 195 11.51 -20.24 -6.84
C ALA A 195 12.89 -20.16 -7.43
N THR A 196 12.98 -19.64 -8.64
CA THR A 196 14.28 -19.47 -9.27
C THR A 196 14.73 -18.05 -8.82
N HIS A 197 15.34 -18.00 -7.63
CA HIS A 197 15.83 -16.77 -7.01
C HIS A 197 17.30 -16.53 -7.35
N LYS A 198 17.82 -15.35 -6.99
CA LYS A 198 19.21 -15.01 -7.25
C LYS A 198 20.23 -15.73 -6.36
N THR A 199 19.79 -16.27 -5.22
CA THR A 199 20.67 -17.00 -4.32
C THR A 199 20.70 -18.49 -4.67
N SER A 200 19.81 -18.91 -5.55
CA SER A 200 19.71 -20.31 -5.95
C SER A 200 20.29 -20.61 -7.33
N THR A 201 21.26 -21.49 -7.37
CA THR A 201 21.85 -21.92 -8.63
C THR A 201 20.77 -22.84 -9.20
N SER A 202 20.24 -23.67 -8.30
CA SER A 202 19.17 -24.60 -8.60
C SER A 202 17.97 -24.06 -7.82
N PRO A 203 16.81 -23.94 -8.48
CA PRO A 203 15.56 -23.44 -7.89
C PRO A 203 15.11 -24.13 -6.62
N ILE A 204 14.62 -23.33 -5.69
CA ILE A 204 14.11 -23.85 -4.42
C ILE A 204 12.81 -24.53 -4.74
N VAL A 205 12.78 -25.85 -4.57
CA VAL A 205 11.56 -26.60 -4.86
C VAL A 205 10.84 -27.03 -3.60
N LYS A 206 9.52 -26.97 -3.70
CA LYS A 206 8.60 -27.39 -2.65
C LYS A 206 7.54 -28.07 -3.49
N SER A 207 7.18 -29.29 -3.11
CA SER A 207 6.20 -30.04 -3.86
C SER A 207 5.34 -30.87 -2.90
N PHE A 208 4.16 -31.27 -3.38
CA PHE A 208 3.27 -32.11 -2.58
C PHE A 208 2.46 -32.96 -3.54
N ASN A 209 2.04 -34.14 -3.07
CA ASN A 209 1.22 -35.05 -3.87
C ASN A 209 -0.18 -35.09 -3.31
N ARG A 210 -1.14 -34.80 -4.17
CA ARG A 210 -2.56 -34.75 -3.80
C ARG A 210 -3.15 -35.76 -2.79
N ASN A 211 -2.72 -37.02 -2.81
CA ASN A 211 -3.29 -38.01 -1.88
C ASN A 211 -2.49 -38.39 -0.65
N GLU A 212 -1.19 -38.63 -0.81
CA GLU A 212 -0.32 -38.97 0.31
C GLU A 212 1.05 -38.46 -0.06
N CYS A 213 1.67 -37.74 0.88
CA CYS A 213 3.00 -37.17 0.69
C CYS A 213 4.01 -37.94 1.59
N GLU B 1 -4.47 17.50 21.17
CA GLU B 1 -4.00 16.80 19.98
C GLU B 1 -4.63 17.35 18.71
N VAL B 2 -3.81 17.90 17.81
CA VAL B 2 -4.33 18.41 16.55
C VAL B 2 -4.52 17.22 15.63
N GLN B 3 -5.75 17.01 15.20
CA GLN B 3 -6.06 15.91 14.31
C GLN B 3 -7.13 16.27 13.29
N LEU B 4 -6.95 15.80 12.07
CA LEU B 4 -7.88 16.03 10.98
C LEU B 4 -8.47 14.67 10.64
N GLN B 5 -9.62 14.35 11.24
CA GLN B 5 -10.29 13.06 11.03
C GLN B 5 -11.20 12.97 9.81
N GLN B 6 -10.67 12.51 8.69
CA GLN B 6 -11.46 12.38 7.46
C GLN B 6 -12.42 11.20 7.48
N SER B 7 -13.45 11.26 6.64
CA SER B 7 -14.41 10.19 6.54
C SER B 7 -13.83 8.88 5.98
N GLY B 8 -14.55 7.78 6.20
CA GLY B 8 -14.11 6.47 5.74
C GLY B 8 -14.14 6.23 4.24
N PRO B 9 -13.68 5.05 3.81
CA PRO B 9 -13.59 4.57 2.41
C PRO B 9 -14.97 4.47 1.82
N GLU B 10 -15.07 4.65 0.50
CA GLU B 10 -16.36 4.58 -0.17
C GLU B 10 -16.27 3.98 -1.55
N LEU B 11 -17.36 3.34 -1.96
CA LEU B 11 -17.49 2.72 -3.28
C LEU B 11 -18.63 3.48 -3.96
N VAL B 12 -18.41 3.90 -5.19
CA VAL B 12 -19.43 4.65 -5.91
C VAL B 12 -19.51 4.28 -7.41
N LYS B 13 -20.74 4.25 -7.90
CA LYS B 13 -21.03 3.93 -9.29
C LYS B 13 -20.35 4.91 -10.24
N PRO B 14 -19.97 4.46 -11.45
CA PRO B 14 -19.33 5.44 -12.33
C PRO B 14 -20.41 6.39 -12.85
N GLY B 15 -20.61 7.47 -12.10
CA GLY B 15 -21.60 8.47 -12.44
C GLY B 15 -22.07 9.14 -11.16
N ALA B 16 -21.96 8.41 -10.06
CA ALA B 16 -22.38 8.91 -8.75
C ALA B 16 -21.54 10.10 -8.25
N SER B 17 -22.01 10.70 -7.18
CA SER B 17 -21.35 11.84 -6.57
C SER B 17 -20.97 11.46 -5.15
N VAL B 18 -19.91 12.04 -4.61
CA VAL B 18 -19.47 11.76 -3.26
C VAL B 18 -19.03 13.04 -2.58
N LYS B 19 -19.18 13.08 -1.26
CA LYS B 19 -18.79 14.24 -0.45
C LYS B 19 -17.96 13.73 0.72
N ILE B 20 -16.66 13.98 0.64
CA ILE B 20 -15.71 13.57 1.67
C ILE B 20 -15.63 14.61 2.78
N SER B 21 -15.58 14.13 4.01
CA SER B 21 -15.51 14.98 5.18
C SER B 21 -14.06 15.08 5.67
N CYS B 22 -13.80 16.07 6.53
CA CYS B 22 -12.48 16.31 7.14
C CYS B 22 -12.66 17.24 8.37
N LYS B 23 -13.14 16.67 9.47
CA LYS B 23 -13.39 17.39 10.73
C LYS B 23 -12.11 17.61 11.51
N THR B 24 -11.65 18.85 11.58
CA THR B 24 -10.40 19.18 12.27
C THR B 24 -10.52 19.36 13.79
N SER B 25 -9.37 19.40 14.47
CA SER B 25 -9.33 19.57 15.92
C SER B 25 -7.94 20.00 16.36
N GLY B 26 -7.89 20.60 17.55
CA GLY B 26 -6.64 21.02 18.15
C GLY B 26 -5.96 22.24 17.61
N TYR B 27 -6.61 22.98 16.72
CA TYR B 27 -5.99 24.18 16.16
C TYR B 27 -7.01 25.15 15.63
N THR B 28 -6.58 26.40 15.48
CA THR B 28 -7.42 27.48 14.97
C THR B 28 -7.85 27.16 13.55
N PHE B 29 -9.05 26.59 13.46
CA PHE B 29 -9.66 26.17 12.20
C PHE B 29 -9.50 27.24 11.11
N THR B 30 -9.99 28.42 11.41
CA THR B 30 -9.98 29.57 10.51
C THR B 30 -8.67 30.32 10.19
N LYS B 31 -7.62 30.10 10.97
CA LYS B 31 -6.35 30.78 10.71
C LYS B 31 -5.67 30.21 9.46
N TYR B 32 -5.96 28.96 9.14
CA TYR B 32 -5.30 28.34 8.01
C TYR B 32 -6.20 27.83 6.92
N THR B 33 -5.62 27.75 5.74
CA THR B 33 -6.29 27.28 4.55
C THR B 33 -6.23 25.74 4.50
N MET B 34 -7.39 25.15 4.22
CA MET B 34 -7.55 23.71 4.10
C MET B 34 -7.26 23.35 2.65
N HIS B 35 -6.39 22.37 2.44
CA HIS B 35 -6.03 21.92 1.10
C HIS B 35 -6.51 20.50 0.89
N TRP B 36 -6.66 20.11 -0.36
CA TRP B 36 -7.07 18.75 -0.67
C TRP B 36 -6.10 18.17 -1.68
N VAL B 37 -5.51 17.03 -1.34
CA VAL B 37 -4.54 16.37 -2.23
C VAL B 37 -5.07 15.01 -2.71
N LYS B 38 -4.78 14.69 -3.98
CA LYS B 38 -5.19 13.45 -4.63
C LYS B 38 -3.98 12.51 -4.69
N GLN B 39 -4.14 11.27 -4.24
CA GLN B 39 -3.05 10.30 -4.28
C GLN B 39 -3.46 9.16 -5.21
N SER B 40 -3.02 9.28 -6.44
CA SER B 40 -3.31 8.31 -7.50
C SER B 40 -2.45 7.07 -7.34
N HIS B 41 -2.86 6.00 -8.03
CA HIS B 41 -2.21 4.69 -8.02
C HIS B 41 -0.98 4.55 -7.15
N GLY B 42 0.08 5.26 -7.49
CA GLY B 42 1.30 5.20 -6.70
C GLY B 42 2.17 6.42 -6.95
N LYS B 43 2.54 7.10 -5.87
CA LYS B 43 3.40 8.28 -5.93
C LYS B 43 2.85 9.50 -6.67
N SER B 44 1.62 9.44 -7.15
CA SER B 44 1.08 10.58 -7.86
C SER B 44 0.18 11.46 -7.01
N LEU B 45 0.79 12.42 -6.32
CA LEU B 45 0.09 13.37 -5.45
C LEU B 45 -0.27 14.63 -6.22
N GLU B 46 -1.55 14.99 -6.23
CA GLU B 46 -1.99 16.16 -6.98
C GLU B 46 -2.77 17.15 -6.13
N TRP B 47 -2.41 18.42 -6.23
CA TRP B 47 -3.12 19.47 -5.50
C TRP B 47 -4.42 19.77 -6.24
N ILE B 48 -5.53 19.39 -5.62
CA ILE B 48 -6.87 19.58 -6.18
C ILE B 48 -7.27 21.05 -6.04
N GLY B 49 -7.07 21.60 -4.84
CA GLY B 49 -7.40 23.00 -4.56
C GLY B 49 -7.37 23.32 -3.07
N ASP B 50 -7.93 24.46 -2.70
CA ASP B 50 -8.00 24.87 -1.30
C ASP B 50 -9.21 25.78 -1.04
N ILE B 51 -9.46 26.07 0.24
CA ILE B 51 -10.56 26.93 0.64
C ILE B 51 -10.11 27.64 1.89
N ASN B 52 -10.59 28.86 2.09
CA ASN B 52 -10.24 29.63 3.29
C ASN B 52 -11.46 29.59 4.20
N PRO B 53 -11.36 28.88 5.34
CA PRO B 53 -12.41 28.70 6.36
C PRO B 53 -13.03 29.99 6.85
N ASN B 54 -14.34 29.92 7.10
CA ASN B 54 -15.15 31.05 7.56
C ASN B 54 -15.43 31.96 6.38
N ASN B 55 -14.37 32.33 5.66
CA ASN B 55 -14.48 33.20 4.51
C ASN B 55 -14.86 32.49 3.23
N GLY B 56 -14.82 31.16 3.25
CA GLY B 56 -15.19 30.35 2.08
C GLY B 56 -14.53 30.65 0.74
N GLY B 57 -13.38 31.31 0.77
CA GLY B 57 -12.68 31.65 -0.46
C GLY B 57 -11.97 30.46 -1.05
N THR B 58 -12.31 30.12 -2.29
CA THR B 58 -11.72 28.99 -2.98
C THR B 58 -10.67 29.37 -4.01
N ASN B 59 -9.87 28.37 -4.40
CA ASN B 59 -8.80 28.47 -5.38
C ASN B 59 -8.66 27.02 -5.83
N TYR B 60 -8.97 26.75 -7.09
CA TYR B 60 -8.93 25.38 -7.66
C TYR B 60 -7.85 25.18 -8.71
N ASN B 61 -7.46 23.93 -8.88
CA ASN B 61 -6.50 23.53 -9.89
C ASN B 61 -7.40 23.51 -11.13
N GLN B 62 -6.97 24.10 -12.24
CA GLN B 62 -7.80 24.11 -13.45
C GLN B 62 -8.38 22.75 -13.84
N LYS B 63 -7.59 21.70 -13.59
CA LYS B 63 -7.94 20.31 -13.88
C LYS B 63 -9.10 19.74 -13.06
N PHE B 64 -9.24 20.16 -11.80
CA PHE B 64 -10.29 19.65 -10.92
C PHE B 64 -11.55 20.50 -10.78
N LYS B 65 -11.59 21.61 -11.50
CA LYS B 65 -12.75 22.48 -11.47
C LYS B 65 -13.89 21.74 -12.18
N GLY B 66 -15.12 21.90 -11.69
CA GLY B 66 -16.25 21.21 -12.30
C GLY B 66 -16.59 19.98 -11.49
N THR B 67 -15.59 19.13 -11.28
CA THR B 67 -15.80 17.93 -10.49
C THR B 67 -15.67 18.23 -9.01
N ALA B 68 -14.70 19.10 -8.67
CA ALA B 68 -14.44 19.45 -7.27
C ALA B 68 -15.23 20.66 -6.76
N THR B 69 -15.68 20.57 -5.51
CA THR B 69 -16.42 21.64 -4.86
C THR B 69 -16.10 21.69 -3.38
N LEU B 70 -15.13 22.51 -3.03
CA LEU B 70 -14.72 22.66 -1.65
C LEU B 70 -15.65 23.65 -0.95
N THR B 71 -16.15 23.27 0.21
CA THR B 71 -17.05 24.07 1.02
C THR B 71 -16.62 23.82 2.45
N VAL B 72 -17.09 24.61 3.40
CA VAL B 72 -16.65 24.42 4.76
C VAL B 72 -17.76 24.67 5.77
N HIS B 73 -17.54 24.22 7.00
CA HIS B 73 -18.49 24.40 8.10
C HIS B 73 -17.71 24.94 9.29
N LYS B 74 -17.61 26.26 9.37
CA LYS B 74 -16.85 26.91 10.43
C LYS B 74 -17.24 26.46 11.84
N SER B 75 -18.52 26.15 12.03
CA SER B 75 -19.06 25.72 13.32
C SER B 75 -18.59 24.32 13.75
N SER B 76 -18.66 23.36 12.85
CA SER B 76 -18.25 21.98 13.13
C SER B 76 -16.78 21.77 12.76
N THR B 77 -16.12 22.86 12.38
CA THR B 77 -14.73 22.86 11.95
C THR B 77 -14.47 21.69 10.99
N THR B 78 -15.37 21.53 10.03
CA THR B 78 -15.27 20.45 9.07
C THR B 78 -15.25 21.01 7.65
N ALA B 79 -14.26 20.56 6.88
CA ALA B 79 -14.12 20.94 5.48
C ALA B 79 -14.80 19.82 4.69
N TYR B 80 -15.20 20.11 3.46
CA TYR B 80 -15.86 19.13 2.62
C TYR B 80 -15.38 19.24 1.19
N MET B 81 -15.45 18.14 0.45
CA MET B 81 -15.07 18.15 -0.95
C MET B 81 -16.02 17.26 -1.73
N GLU B 82 -16.82 17.86 -2.60
CA GLU B 82 -17.74 17.09 -3.39
C GLU B 82 -17.18 16.79 -4.76
N LEU B 83 -17.18 15.51 -5.13
CA LEU B 83 -16.66 15.05 -6.40
C LEU B 83 -17.84 14.43 -7.15
N ARG B 84 -18.23 15.09 -8.22
CA ARG B 84 -19.34 14.65 -9.04
C ARG B 84 -18.84 14.09 -10.35
N SER B 85 -19.71 13.34 -11.04
CA SER B 85 -19.40 12.70 -12.32
C SER B 85 -18.13 11.86 -12.24
N LEU B 86 -18.15 10.96 -11.26
CA LEU B 86 -17.02 10.09 -11.00
C LEU B 86 -16.85 8.98 -12.04
N THR B 87 -15.60 8.66 -12.33
CA THR B 87 -15.26 7.60 -13.27
C THR B 87 -14.21 6.73 -12.57
N SER B 88 -13.84 5.63 -13.19
CA SER B 88 -12.84 4.74 -12.61
C SER B 88 -11.53 5.46 -12.40
N GLU B 89 -11.31 6.48 -13.22
CA GLU B 89 -10.10 7.28 -13.15
C GLU B 89 -10.10 8.19 -11.91
N ASP B 90 -11.21 8.23 -11.18
CA ASP B 90 -11.31 9.05 -9.98
C ASP B 90 -11.12 8.25 -8.70
N SER B 91 -10.74 6.98 -8.85
CA SER B 91 -10.52 6.11 -7.71
C SER B 91 -9.09 6.36 -7.20
N ALA B 92 -8.98 6.77 -5.94
CA ALA B 92 -7.67 7.08 -5.38
C ALA B 92 -7.82 7.39 -3.88
N VAL B 93 -6.73 7.88 -3.27
CA VAL B 93 -6.75 8.25 -1.86
C VAL B 93 -6.79 9.79 -1.79
N TYR B 94 -7.65 10.30 -0.93
CA TYR B 94 -7.85 11.74 -0.77
C TYR B 94 -7.48 12.30 0.63
N TYR B 95 -6.56 13.24 0.65
CA TYR B 95 -6.13 13.87 1.90
C TYR B 95 -6.53 15.34 1.96
N CYS B 96 -6.67 15.84 3.17
CA CYS B 96 -6.93 17.25 3.42
C CYS B 96 -5.66 17.65 4.21
N THR B 97 -5.16 18.86 3.99
CA THR B 97 -3.95 19.31 4.65
C THR B 97 -4.12 20.71 5.21
N SER B 98 -3.41 21.01 6.29
CA SER B 98 -3.49 22.33 6.90
C SER B 98 -2.13 22.83 7.44
N LYS B 99 -2.13 24.04 8.00
CA LYS B 99 -0.93 24.72 8.50
C LYS B 99 0.20 24.54 7.50
N SER B 100 -0.03 25.00 6.27
CA SER B 100 0.93 24.93 5.16
C SER B 100 1.49 23.53 4.89
N PHE B 101 0.59 22.54 4.79
CA PHE B 101 0.95 21.15 4.52
C PHE B 101 1.67 20.46 5.66
N ASP B 102 1.49 20.99 6.87
CA ASP B 102 2.11 20.43 8.05
C ASP B 102 1.23 19.36 8.69
N TYR B 103 -0.07 19.59 8.68
CA TYR B 103 -1.03 18.61 9.23
C TYR B 103 -1.73 17.93 8.05
N TRP B 104 -1.71 16.60 8.01
CA TRP B 104 -2.38 15.89 6.92
C TRP B 104 -3.47 15.02 7.46
N GLY B 105 -4.48 14.76 6.63
CA GLY B 105 -5.56 13.92 7.04
C GLY B 105 -5.13 12.47 6.85
N GLN B 106 -5.85 11.58 7.50
CA GLN B 106 -5.60 10.15 7.44
C GLN B 106 -5.78 9.57 6.03
N GLY B 107 -6.59 10.24 5.22
CA GLY B 107 -6.85 9.80 3.86
C GLY B 107 -8.18 9.09 3.71
N THR B 108 -8.86 9.31 2.59
CA THR B 108 -10.13 8.65 2.29
C THR B 108 -9.94 7.88 0.99
N THR B 109 -10.09 6.57 1.07
CA THR B 109 -9.92 5.70 -0.09
C THR B 109 -11.26 5.57 -0.79
N LEU B 110 -11.25 5.86 -2.08
CA LEU B 110 -12.46 5.84 -2.86
C LEU B 110 -12.33 4.92 -4.05
N THR B 111 -13.35 4.08 -4.26
CA THR B 111 -13.37 3.15 -5.38
C THR B 111 -14.63 3.46 -6.16
N VAL B 112 -14.45 3.72 -7.45
CA VAL B 112 -15.57 4.01 -8.34
C VAL B 112 -15.75 2.79 -9.23
N SER B 113 -16.88 2.08 -9.07
CA SER B 113 -17.13 0.88 -9.88
C SER B 113 -18.54 0.33 -9.75
N SER B 114 -18.98 -0.36 -10.79
CA SER B 114 -20.30 -0.97 -10.82
C SER B 114 -20.28 -2.34 -10.13
N ALA B 115 -19.07 -2.89 -9.93
CA ALA B 115 -18.89 -4.19 -9.29
C ALA B 115 -19.61 -4.24 -7.93
N LYS B 116 -20.36 -5.30 -7.72
CA LYS B 116 -21.13 -5.46 -6.50
C LYS B 116 -20.27 -5.86 -5.30
N THR B 117 -20.66 -5.39 -4.11
CA THR B 117 -19.95 -5.76 -2.91
C THR B 117 -20.09 -7.29 -2.81
N THR B 118 -19.18 -7.94 -2.09
CA THR B 118 -19.21 -9.38 -1.95
C THR B 118 -18.50 -9.77 -0.65
N ALA B 119 -19.10 -10.70 0.08
CA ALA B 119 -18.53 -11.21 1.31
C ALA B 119 -17.46 -12.23 0.91
N PRO B 120 -16.29 -12.20 1.58
CA PRO B 120 -15.25 -13.15 1.21
C PRO B 120 -15.43 -14.57 1.78
N SER B 121 -14.70 -15.52 1.20
CA SER B 121 -14.70 -16.89 1.67
C SER B 121 -13.28 -17.09 2.20
N VAL B 122 -13.17 -17.28 3.51
CA VAL B 122 -11.90 -17.47 4.19
C VAL B 122 -11.62 -18.97 4.28
N TYR B 123 -10.37 -19.35 4.04
CA TYR B 123 -10.01 -20.75 4.07
C TYR B 123 -8.80 -20.95 4.90
N PRO B 124 -8.80 -21.98 5.75
CA PRO B 124 -7.68 -22.29 6.63
C PRO B 124 -6.62 -23.01 5.83
N LEU B 125 -5.36 -22.64 6.04
CA LEU B 125 -4.24 -23.25 5.33
C LEU B 125 -3.33 -23.99 6.28
N ALA B 126 -3.53 -25.30 6.34
CA ALA B 126 -2.73 -26.17 7.18
C ALA B 126 -1.70 -26.91 6.33
N PRO B 127 -0.61 -27.39 6.95
CA PRO B 127 0.40 -28.11 6.15
C PRO B 127 -0.08 -29.46 5.59
N VAL B 128 0.75 -30.05 4.74
CA VAL B 128 0.61 -31.35 4.07
C VAL B 128 1.44 -31.30 2.78
N ALA B 136 10.01 -24.86 13.09
CA ALA B 136 8.79 -24.11 13.38
C ALA B 136 7.67 -24.45 12.39
N VAL B 137 6.43 -24.29 12.82
CA VAL B 137 5.27 -24.57 11.97
C VAL B 137 4.72 -23.29 11.32
N THR B 138 4.71 -23.30 9.99
CA THR B 138 4.21 -22.18 9.22
C THR B 138 2.77 -22.52 8.82
N LEU B 139 1.86 -21.58 9.04
CA LEU B 139 0.45 -21.77 8.70
C LEU B 139 -0.07 -20.58 7.90
N GLY B 140 -1.35 -20.60 7.55
CA GLY B 140 -1.91 -19.53 6.75
C GLY B 140 -3.42 -19.42 6.70
N CYS B 141 -3.89 -18.32 6.15
CA CYS B 141 -5.31 -18.02 6.02
C CYS B 141 -5.47 -17.33 4.66
N LEU B 142 -6.42 -17.79 3.85
CA LEU B 142 -6.67 -17.21 2.52
C LEU B 142 -8.09 -16.64 2.46
N VAL B 143 -8.21 -15.35 2.20
CA VAL B 143 -9.53 -14.74 2.10
C VAL B 143 -9.76 -14.47 0.63
N LYS B 144 -10.70 -15.23 0.09
CA LYS B 144 -11.02 -15.21 -1.34
C LYS B 144 -12.34 -14.56 -1.74
N GLY B 145 -12.25 -13.64 -2.71
CA GLY B 145 -13.41 -12.96 -3.28
C GLY B 145 -14.29 -11.92 -2.59
N TYR B 146 -13.77 -10.72 -2.39
CA TYR B 146 -14.53 -9.63 -1.76
C TYR B 146 -14.37 -8.41 -2.64
N PHE B 147 -15.36 -7.55 -2.77
CA PHE B 147 -15.12 -6.42 -3.65
C PHE B 147 -14.57 -5.11 -3.10
N PRO B 148 -15.22 -4.52 -2.10
CA PRO B 148 -14.53 -3.29 -1.70
C PRO B 148 -13.18 -3.64 -1.03
N GLU B 149 -12.09 -3.01 -1.47
CA GLU B 149 -10.74 -3.29 -0.97
C GLU B 149 -10.45 -3.43 0.54
N PRO B 150 -11.17 -2.69 1.41
CA PRO B 150 -10.82 -2.88 2.84
C PRO B 150 -11.23 -4.20 3.53
N VAL B 151 -10.25 -4.83 4.16
CA VAL B 151 -10.45 -6.08 4.88
C VAL B 151 -9.41 -6.13 5.98
N THR B 152 -9.74 -6.74 7.11
CA THR B 152 -8.80 -6.84 8.22
C THR B 152 -8.53 -8.28 8.61
N LEU B 153 -7.25 -8.62 8.69
CA LEU B 153 -6.84 -9.97 9.03
C LEU B 153 -5.95 -9.91 10.27
N THR B 154 -6.33 -10.64 11.31
CA THR B 154 -5.56 -10.71 12.55
C THR B 154 -5.51 -12.18 12.91
N TRP B 155 -4.64 -12.55 13.83
CA TRP B 155 -4.53 -13.94 14.24
C TRP B 155 -4.73 -13.96 15.74
N ASN B 156 -5.89 -14.44 16.19
CA ASN B 156 -6.22 -14.48 17.61
C ASN B 156 -6.12 -13.04 18.11
N SER B 157 -4.90 -12.65 18.48
CA SER B 157 -4.57 -11.31 18.98
C SER B 157 -4.70 -10.28 17.86
N SER B 162 5.88 -12.64 16.75
CA SER B 162 4.83 -12.49 15.76
C SER B 162 5.38 -12.73 14.34
N GLY B 163 5.27 -13.97 13.86
CA GLY B 163 5.76 -14.28 12.54
C GLY B 163 4.69 -14.11 11.46
N VAL B 164 3.86 -13.08 11.62
CA VAL B 164 2.78 -12.82 10.68
C VAL B 164 3.28 -12.14 9.41
N HIS B 165 2.65 -12.47 8.29
CA HIS B 165 3.00 -11.90 6.99
C HIS B 165 1.71 -11.74 6.21
N THR B 166 1.12 -10.56 6.27
CA THR B 166 -0.12 -10.31 5.52
C THR B 166 0.34 -9.79 4.16
N PHE B 167 -0.26 -10.29 3.08
CA PHE B 167 0.16 -9.86 1.76
C PHE B 167 -0.88 -8.93 1.21
N PRO B 168 -0.43 -7.93 0.45
CA PRO B 168 -1.34 -6.96 -0.17
C PRO B 168 -2.36 -7.67 -1.05
N ALA B 169 -3.58 -7.15 -1.08
CA ALA B 169 -4.64 -7.73 -1.92
C ALA B 169 -4.36 -7.48 -3.39
N VAL B 170 -4.78 -8.45 -4.20
CA VAL B 170 -4.61 -8.39 -5.65
C VAL B 170 -5.99 -8.64 -6.21
N LEU B 171 -6.43 -7.75 -7.11
CA LEU B 171 -7.74 -7.84 -7.74
C LEU B 171 -7.67 -8.70 -9.01
N GLN B 172 -8.67 -9.56 -9.21
CA GLN B 172 -8.71 -10.44 -10.38
C GLN B 172 -9.94 -10.13 -11.24
N SER B 173 -11.05 -10.82 -11.02
CA SER B 173 -12.26 -10.57 -11.81
C SER B 173 -13.28 -9.83 -10.94
N ASP B 174 -12.96 -8.56 -10.65
CA ASP B 174 -13.79 -7.71 -9.80
C ASP B 174 -13.98 -8.28 -8.39
N LEU B 175 -12.94 -8.98 -7.94
CA LEU B 175 -12.90 -9.62 -6.64
C LEU B 175 -11.47 -9.53 -6.13
N TYR B 176 -11.29 -9.14 -4.87
CA TYR B 176 -9.95 -9.06 -4.31
C TYR B 176 -9.60 -10.35 -3.61
N THR B 177 -8.30 -10.64 -3.53
CA THR B 177 -7.83 -11.85 -2.87
C THR B 177 -6.62 -11.50 -2.02
N LEU B 178 -6.70 -11.87 -0.74
CA LEU B 178 -5.65 -11.60 0.21
C LEU B 178 -5.29 -12.86 1.00
N SER B 179 -4.00 -13.03 1.32
CA SER B 179 -3.54 -14.17 2.10
C SER B 179 -2.75 -13.70 3.31
N SER B 180 -2.47 -14.61 4.23
CA SER B 180 -1.72 -14.24 5.41
C SER B 180 -1.06 -15.49 5.98
N SER B 181 0.24 -15.40 6.23
CA SER B 181 0.98 -16.52 6.80
C SER B 181 1.51 -16.10 8.17
N VAL B 182 1.51 -17.03 9.11
CA VAL B 182 2.04 -16.78 10.46
C VAL B 182 2.94 -17.97 10.79
N THR B 183 4.14 -17.70 11.30
CA THR B 183 5.03 -18.79 11.66
C THR B 183 5.10 -18.93 13.17
N VAL B 184 4.61 -20.07 13.66
CA VAL B 184 4.59 -20.37 15.09
C VAL B 184 5.45 -21.63 15.33
N THR B 185 5.77 -21.91 16.58
CA THR B 185 6.57 -23.07 16.93
C THR B 185 5.72 -24.35 17.07
N SER B 186 6.36 -25.51 16.92
CA SER B 186 5.67 -26.81 16.99
C SER B 186 5.07 -27.17 18.36
N SER B 187 5.70 -26.71 19.43
CA SER B 187 5.27 -27.00 20.80
C SER B 187 4.07 -26.19 21.28
N THR B 188 3.42 -25.49 20.36
CA THR B 188 2.27 -24.69 20.71
C THR B 188 1.07 -25.19 19.94
N TRP B 189 1.26 -25.35 18.64
CA TRP B 189 0.21 -25.82 17.76
C TRP B 189 0.35 -27.35 17.59
N PRO B 190 -0.78 -28.11 17.64
CA PRO B 190 -2.20 -27.79 17.80
C PRO B 190 -2.75 -27.63 19.22
N SER B 191 -1.93 -27.87 20.25
CA SER B 191 -2.39 -27.75 21.64
C SER B 191 -3.03 -26.39 21.90
N GLN B 192 -2.48 -25.38 21.25
CA GLN B 192 -2.99 -24.04 21.36
C GLN B 192 -3.45 -23.71 19.94
N SER B 193 -4.67 -23.20 19.84
CA SER B 193 -5.25 -22.85 18.57
C SER B 193 -4.68 -21.58 18.00
N ILE B 194 -4.64 -21.54 16.67
CA ILE B 194 -4.16 -20.40 15.91
C ILE B 194 -5.36 -20.11 15.02
N THR B 195 -6.04 -18.99 15.29
CA THR B 195 -7.22 -18.60 14.53
C THR B 195 -6.93 -17.34 13.73
N CYS B 196 -7.60 -17.18 12.60
CA CYS B 196 -7.43 -15.97 11.80
C CYS B 196 -8.77 -15.30 11.70
N ASN B 197 -8.80 -14.05 12.12
CA ASN B 197 -9.98 -13.23 12.14
C ASN B 197 -10.02 -12.37 10.89
N VAL B 198 -11.16 -12.37 10.21
CA VAL B 198 -11.35 -11.57 9.00
C VAL B 198 -12.56 -10.66 9.18
N ALA B 199 -12.43 -9.43 8.70
CA ALA B 199 -13.51 -8.46 8.83
C ALA B 199 -13.84 -7.60 7.60
N HIS B 200 -15.13 -7.32 7.52
CA HIS B 200 -15.89 -6.51 6.55
C HIS B 200 -16.38 -6.93 5.16
N PRO B 201 -15.82 -6.37 4.05
CA PRO B 201 -16.14 -6.57 2.63
C PRO B 201 -17.66 -6.38 2.51
N ALA B 202 -18.43 -7.33 3.03
CA ALA B 202 -19.89 -7.26 3.04
C ALA B 202 -20.36 -7.46 4.48
N SER B 203 -19.95 -6.56 5.37
CA SER B 203 -20.28 -6.62 6.79
C SER B 203 -20.03 -7.98 7.45
N SER B 204 -19.12 -8.77 6.87
CA SER B 204 -18.81 -10.09 7.36
C SER B 204 -17.62 -10.10 8.30
N THR B 205 -17.74 -10.89 9.36
CA THR B 205 -16.69 -11.05 10.38
C THR B 205 -16.57 -12.57 10.54
N LYS B 206 -15.39 -13.12 10.23
CA LYS B 206 -15.19 -14.56 10.33
C LYS B 206 -13.90 -14.99 11.02
N VAL B 207 -14.05 -15.96 11.93
CA VAL B 207 -12.94 -16.53 12.68
C VAL B 207 -12.77 -17.94 12.11
N ASP B 208 -11.54 -18.44 12.02
CA ASP B 208 -11.37 -19.76 11.42
C ASP B 208 -11.06 -21.01 12.22
N LYS B 209 -9.80 -21.41 12.29
CA LYS B 209 -9.45 -22.63 13.00
C LYS B 209 -9.35 -22.43 14.52
#